data_7L99
#
_entry.id   7L99
#
_cell.length_a   47.230
_cell.length_b   61.970
_cell.length_c   99.190
_cell.angle_alpha   90.000
_cell.angle_beta   97.280
_cell.angle_gamma   90.000
#
_symmetry.space_group_name_H-M   'P 1 21 1'
#
loop_
_entity.id
_entity.type
_entity.pdbx_description
1 polymer 'Bromodomain testis-specific protein'
2 non-polymer N-[3-(acetylamino)-4-methylphenyl]-3-(4-amino-2-methylphenyl)-1-methyl-1H-indazole-5-carboxamide
3 non-polymer "O-(O-(2-AMINOPROPYL)-O'-(2-METHOXYETHYL)POLYPROPYLENE GLYCOL 500)"
4 water water
#
_entity_poly.entity_id   1
_entity_poly.type   'polypeptide(L)'
_entity_poly.pdbx_seq_one_letter_code
;MGSSHHHHHHSSGLVPRGSHMASVTEQLRHCSEILKEMLAKKHFSYAWPFYNPVDVNALGLHNYYDVVKNPMDLGTIKEK
MDNQEYKDAYKFAADVRLMFMNCYKYNPPDHEVVTMARMLQDVFETHFSKIPIEP
;
_entity_poly.pdbx_strand_id   A,B,C,D
#
# COMPACT_ATOMS: atom_id res chain seq x y z
N ALA A 22 17.49 5.89 24.91
CA ALA A 22 18.13 5.51 23.66
C ALA A 22 19.58 5.97 23.63
N SER A 23 20.40 5.43 24.52
CA SER A 23 21.84 5.66 24.44
C SER A 23 22.40 4.96 23.21
N VAL A 24 23.61 5.38 22.81
CA VAL A 24 24.22 4.75 21.65
C VAL A 24 24.54 3.29 21.94
N THR A 25 24.82 2.95 23.21
CA THR A 25 25.04 1.57 23.58
C THR A 25 23.79 0.74 23.32
N GLU A 26 22.64 1.20 23.80
CA GLU A 26 21.40 0.47 23.61
C GLU A 26 21.07 0.32 22.13
N GLN A 27 21.30 1.38 21.35
CA GLN A 27 21.07 1.30 19.91
C GLN A 27 22.00 0.29 19.26
N LEU A 28 23.28 0.31 19.63
CA LEU A 28 24.21 -0.65 19.05
C LEU A 28 23.85 -2.07 19.49
N ARG A 29 23.27 -2.22 20.68
CA ARG A 29 22.80 -3.53 21.10
C ARG A 29 21.64 -3.99 20.24
N HIS A 30 20.73 -3.08 19.90
CA HIS A 30 19.63 -3.48 19.03
C HIS A 30 20.12 -3.81 17.62
N CYS A 31 21.14 -3.09 17.13
CA CYS A 31 21.68 -3.42 15.81
CA CYS A 31 21.71 -3.42 15.81
C CYS A 31 22.35 -4.80 15.80
N SER A 32 22.97 -5.20 16.91
CA SER A 32 23.53 -6.54 16.98
C SER A 32 22.42 -7.57 16.89
N GLU A 33 21.30 -7.33 17.58
CA GLU A 33 20.15 -8.22 17.50
C GLU A 33 19.58 -8.29 16.09
N ILE A 34 19.56 -7.14 15.39
CA ILE A 34 19.09 -7.13 14.01
C ILE A 34 19.98 -7.99 13.13
N LEU A 35 21.30 -7.85 13.29
CA LEU A 35 22.23 -8.65 12.50
C LEU A 35 22.07 -10.13 12.81
N LYS A 36 21.95 -10.48 14.09
CA LYS A 36 21.71 -11.88 14.46
C LYS A 36 20.43 -12.39 13.80
N GLU A 37 19.41 -11.55 13.72
CA GLU A 37 18.17 -11.98 13.08
C GLU A 37 18.37 -12.17 11.58
N MET A 38 19.16 -11.32 10.93
CA MET A 38 19.41 -11.49 9.51
C MET A 38 20.23 -12.75 9.24
N LEU A 39 21.05 -13.17 10.20
CA LEU A 39 21.83 -14.40 10.07
C LEU A 39 21.12 -15.62 10.64
N ALA A 40 19.89 -15.47 11.13
CA ALA A 40 19.21 -16.55 11.81
C ALA A 40 18.74 -17.62 10.83
N LYS A 41 18.49 -18.82 11.38
CA LYS A 41 18.20 -20.00 10.56
C LYS A 41 16.93 -19.83 9.76
N LYS A 42 15.93 -19.13 10.32
CA LYS A 42 14.63 -19.02 9.65
C LYS A 42 14.74 -18.33 8.30
N HIS A 43 15.74 -17.47 8.11
CA HIS A 43 15.86 -16.69 6.89
C HIS A 43 16.89 -17.26 5.91
N PHE A 44 17.52 -18.38 6.25
CA PHE A 44 18.62 -18.89 5.44
C PHE A 44 18.20 -19.11 3.99
N SER A 45 16.96 -19.53 3.78
CA SER A 45 16.53 -19.89 2.44
C SER A 45 16.58 -18.73 1.46
N TYR A 46 16.54 -17.48 1.94
CA TYR A 46 16.77 -16.36 1.04
C TYR A 46 17.95 -15.48 1.41
N ALA A 47 18.54 -15.64 2.60
CA ALA A 47 19.66 -14.80 2.98
C ALA A 47 21.02 -15.37 2.55
N TRP A 48 21.10 -16.66 2.20
CA TRP A 48 22.40 -17.27 1.95
C TRP A 48 23.23 -16.59 0.86
N PRO A 49 22.65 -15.98 -0.19
CA PRO A 49 23.52 -15.30 -1.17
C PRO A 49 24.25 -14.10 -0.58
N PHE A 50 23.85 -13.65 0.61
CA PHE A 50 24.38 -12.43 1.21
C PHE A 50 25.27 -12.68 2.41
N TYR A 51 25.55 -13.95 2.74
CA TYR A 51 26.37 -14.26 3.91
C TYR A 51 27.83 -13.90 3.70
N ASN A 52 28.34 -14.08 2.49
CA ASN A 52 29.74 -13.94 2.14
C ASN A 52 29.83 -13.03 0.94
N PRO A 53 31.02 -12.53 0.59
CA PRO A 53 31.14 -11.74 -0.64
C PRO A 53 30.60 -12.55 -1.82
N VAL A 54 29.99 -11.85 -2.78
CA VAL A 54 29.49 -12.51 -3.97
C VAL A 54 30.62 -13.34 -4.57
N ASP A 55 30.36 -14.62 -4.84
CA ASP A 55 31.41 -15.49 -5.38
C ASP A 55 31.43 -15.27 -6.89
N VAL A 56 32.05 -14.14 -7.25
CA VAL A 56 32.22 -13.73 -8.64
C VAL A 56 32.89 -14.86 -9.43
N ASN A 57 33.95 -15.44 -8.86
CA ASN A 57 34.72 -16.41 -9.64
C ASN A 57 33.93 -17.69 -9.89
N ALA A 58 33.15 -18.15 -8.92
CA ALA A 58 32.38 -19.37 -9.16
C ALA A 58 31.25 -19.10 -10.15
N LEU A 59 30.51 -18.01 -9.96
CA LEU A 59 29.35 -17.71 -10.77
C LEU A 59 29.71 -17.17 -12.15
N GLY A 60 30.93 -16.70 -12.33
CA GLY A 60 31.36 -16.16 -13.61
C GLY A 60 30.86 -14.78 -13.89
N LEU A 61 30.55 -13.99 -12.85
CA LEU A 61 30.01 -12.64 -12.99
C LEU A 61 31.16 -11.65 -13.11
N HIS A 62 31.83 -11.69 -14.25
CA HIS A 62 33.07 -10.94 -14.34
C HIS A 62 32.89 -9.46 -14.63
N ASN A 63 31.67 -8.97 -14.81
CA ASN A 63 31.48 -7.53 -14.90
C ASN A 63 31.02 -6.96 -13.56
N TYR A 64 31.00 -7.78 -12.51
CA TYR A 64 30.50 -7.32 -11.22
C TYR A 64 31.32 -6.14 -10.68
N TYR A 65 32.65 -6.25 -10.72
CA TYR A 65 33.48 -5.19 -10.17
C TYR A 65 33.55 -3.96 -11.07
N ASP A 66 33.10 -4.05 -12.32
CA ASP A 66 32.96 -2.85 -13.13
C ASP A 66 31.76 -2.02 -12.71
N VAL A 67 30.78 -2.64 -12.05
CA VAL A 67 29.56 -1.97 -11.61
C VAL A 67 29.62 -1.62 -10.14
N VAL A 68 30.09 -2.54 -9.31
CA VAL A 68 30.05 -2.42 -7.86
C VAL A 68 31.45 -2.09 -7.36
N LYS A 69 31.63 -0.87 -6.90
CA LYS A 69 32.94 -0.44 -6.42
C LYS A 69 33.11 -0.59 -4.91
N ASN A 70 32.04 -0.84 -4.17
CA ASN A 70 32.12 -0.96 -2.71
C ASN A 70 31.33 -2.18 -2.28
N PRO A 71 31.87 -3.38 -2.48
CA PRO A 71 31.16 -4.60 -2.10
C PRO A 71 30.93 -4.66 -0.59
N MET A 72 29.86 -5.34 -0.22
CA MET A 72 29.48 -5.50 1.19
C MET A 72 28.67 -6.77 1.32
N ASP A 73 28.81 -7.45 2.45
CA ASP A 73 28.08 -8.68 2.72
C ASP A 73 27.92 -8.81 4.23
N LEU A 74 27.05 -9.75 4.65
CA LEU A 74 26.75 -9.85 6.08
C LEU A 74 27.97 -10.29 6.88
N GLY A 75 28.80 -11.17 6.30
CA GLY A 75 30.00 -11.61 7.00
C GLY A 75 30.94 -10.47 7.30
N THR A 76 31.11 -9.56 6.34
CA THR A 76 31.90 -8.36 6.58
C THR A 76 31.27 -7.47 7.64
N ILE A 77 29.95 -7.31 7.60
CA ILE A 77 29.27 -6.49 8.59
C ILE A 77 29.40 -7.12 9.98
N LYS A 78 29.31 -8.45 10.05
CA LYS A 78 29.42 -9.10 11.34
C LYS A 78 30.83 -9.00 11.91
N GLU A 79 31.86 -9.05 11.05
CA GLU A 79 33.23 -8.86 11.53
C GLU A 79 33.43 -7.45 12.06
N LYS A 80 32.81 -6.45 11.41
CA LYS A 80 32.93 -5.07 11.88
C LYS A 80 32.19 -4.89 13.20
N MET A 81 31.01 -5.50 13.33
CA MET A 81 30.26 -5.40 14.57
C MET A 81 31.01 -6.03 15.73
N ASP A 82 31.54 -7.25 15.52
CA ASP A 82 32.31 -7.92 16.56
C ASP A 82 33.55 -7.14 16.95
N ASN A 83 34.17 -6.43 16.01
CA ASN A 83 35.35 -5.62 16.29
C ASN A 83 35.02 -4.25 16.83
N GLN A 84 33.74 -3.98 17.13
CA GLN A 84 33.30 -2.72 17.72
C GLN A 84 33.53 -1.54 16.77
N GLU A 85 33.41 -1.78 15.46
CA GLU A 85 33.78 -0.77 14.48
C GLU A 85 32.64 0.17 14.11
N TYR A 86 31.42 -0.09 14.56
CA TYR A 86 30.30 0.80 14.26
C TYR A 86 30.12 1.77 15.42
N LYS A 87 30.23 3.07 15.12
CA LYS A 87 30.10 4.09 16.14
C LYS A 87 28.65 4.33 16.53
N ASP A 88 27.71 4.14 15.60
CA ASP A 88 26.30 4.28 15.93
C ASP A 88 25.46 3.40 15.01
N ALA A 89 24.16 3.39 15.29
CA ALA A 89 23.21 2.57 14.54
C ALA A 89 23.13 2.98 13.08
N TYR A 90 23.40 4.25 12.76
CA TYR A 90 23.20 4.73 11.41
C TYR A 90 24.38 4.38 10.51
N LYS A 91 25.57 4.22 11.08
CA LYS A 91 26.69 3.72 10.29
C LYS A 91 26.51 2.24 9.98
N PHE A 92 25.96 1.49 10.96
CA PHE A 92 25.57 0.11 10.69
C PHE A 92 24.49 0.05 9.61
N ALA A 93 23.48 0.92 9.71
CA ALA A 93 22.42 0.93 8.71
C ALA A 93 22.97 1.24 7.32
N ALA A 94 23.96 2.12 7.25
CA ALA A 94 24.53 2.49 5.95
C ALA A 94 25.23 1.30 5.29
N ASP A 95 25.91 0.48 6.09
CA ASP A 95 26.59 -0.69 5.52
C ASP A 95 25.59 -1.75 5.08
N VAL A 96 24.53 -1.97 5.87
CA VAL A 96 23.50 -2.93 5.48
C VAL A 96 22.83 -2.48 4.18
N ARG A 97 22.46 -1.21 4.12
CA ARG A 97 21.78 -0.72 2.92
C ARG A 97 22.70 -0.74 1.70
N LEU A 98 24.00 -0.51 1.89
CA LEU A 98 24.95 -0.62 0.80
C LEU A 98 24.96 -2.02 0.21
N MET A 99 24.94 -3.05 1.07
CA MET A 99 24.86 -4.42 0.59
C MET A 99 23.63 -4.62 -0.28
N PHE A 100 22.48 -4.11 0.16
CA PHE A 100 21.27 -4.25 -0.67
C PHE A 100 21.35 -3.40 -1.94
N MET A 101 21.83 -2.15 -1.85
CA MET A 101 21.90 -1.31 -3.04
C MET A 101 22.83 -1.90 -4.10
N ASN A 102 23.92 -2.53 -3.67
CA ASN A 102 24.80 -3.20 -4.62
C ASN A 102 24.04 -4.27 -5.40
N CYS A 103 23.17 -5.02 -4.71
CA CYS A 103 22.37 -6.05 -5.36
CA CYS A 103 22.39 -6.05 -5.38
C CYS A 103 21.37 -5.46 -6.33
N TYR A 104 20.71 -4.36 -5.94
CA TYR A 104 19.71 -3.75 -6.81
C TYR A 104 20.35 -3.03 -7.99
N LYS A 105 21.55 -2.45 -7.78
CA LYS A 105 22.23 -1.75 -8.85
C LYS A 105 22.70 -2.72 -9.93
N TYR A 106 23.18 -3.89 -9.52
CA TYR A 106 23.80 -4.84 -10.44
C TYR A 106 22.81 -5.77 -11.11
N ASN A 107 21.81 -6.26 -10.38
CA ASN A 107 21.00 -7.34 -10.92
C ASN A 107 19.72 -6.79 -11.53
N PRO A 108 19.19 -7.43 -12.56
CA PRO A 108 17.92 -6.97 -13.15
C PRO A 108 16.85 -6.94 -12.08
N PRO A 109 15.93 -5.97 -12.13
CA PRO A 109 14.96 -5.81 -11.02
C PRO A 109 14.06 -7.02 -10.83
N ASP A 110 13.87 -7.83 -11.86
CA ASP A 110 13.04 -9.02 -11.83
C ASP A 110 13.79 -10.27 -11.39
N HIS A 111 15.08 -10.16 -11.10
CA HIS A 111 15.91 -11.32 -10.81
C HIS A 111 15.55 -11.98 -9.48
N GLU A 112 15.76 -13.29 -9.42
CA GLU A 112 15.49 -14.02 -8.19
C GLU A 112 16.31 -13.51 -7.01
N VAL A 113 17.58 -13.13 -7.23
CA VAL A 113 18.37 -12.69 -6.09
C VAL A 113 17.90 -11.32 -5.60
N VAL A 114 17.24 -10.54 -6.46
CA VAL A 114 16.64 -9.29 -6.01
C VAL A 114 15.43 -9.58 -5.14
N THR A 115 14.62 -10.57 -5.52
CA THR A 115 13.52 -11.00 -4.66
C THR A 115 14.04 -11.43 -3.29
N MET A 116 15.12 -12.21 -3.27
CA MET A 116 15.71 -12.64 -1.99
C MET A 116 16.27 -11.46 -1.21
N ALA A 117 16.98 -10.55 -1.89
CA ALA A 117 17.50 -9.36 -1.22
C ALA A 117 16.39 -8.57 -0.55
N ARG A 118 15.28 -8.36 -1.27
CA ARG A 118 14.18 -7.57 -0.73
C ARG A 118 13.53 -8.27 0.45
N MET A 119 13.45 -9.59 0.42
CA MET A 119 12.93 -10.31 1.57
C MET A 119 13.83 -10.12 2.79
N LEU A 120 15.14 -10.20 2.61
CA LEU A 120 16.06 -9.94 3.71
C LEU A 120 15.99 -8.48 4.14
N GLN A 121 15.83 -7.55 3.18
CA GLN A 121 15.71 -6.15 3.57
C GLN A 121 14.44 -5.90 4.37
N ASP A 122 13.35 -6.62 4.05
CA ASP A 122 12.13 -6.50 4.84
C ASP A 122 12.36 -6.87 6.30
N VAL A 123 13.20 -7.88 6.54
CA VAL A 123 13.58 -8.24 7.90
C VAL A 123 14.31 -7.07 8.57
N PHE A 124 15.29 -6.51 7.86
CA PHE A 124 16.07 -5.40 8.41
C PHE A 124 15.19 -4.19 8.70
N GLU A 125 14.40 -3.77 7.72
CA GLU A 125 13.67 -2.51 7.85
C GLU A 125 12.61 -2.62 8.94
N THR A 126 11.98 -3.79 9.06
CA THR A 126 10.99 -4.00 10.12
C THR A 126 11.62 -3.79 11.49
N HIS A 127 12.80 -4.36 11.72
CA HIS A 127 13.43 -4.21 13.02
C HIS A 127 14.12 -2.86 13.18
N PHE A 128 14.72 -2.34 12.12
CA PHE A 128 15.40 -1.06 12.24
C PHE A 128 14.41 0.06 12.52
N SER A 129 13.12 -0.15 12.23
CA SER A 129 12.12 0.88 12.50
C SER A 129 12.04 1.24 13.98
N LYS A 130 12.57 0.38 14.86
CA LYS A 130 12.58 0.68 16.29
C LYS A 130 13.69 1.63 16.69
N ILE A 131 14.61 1.94 15.80
CA ILE A 131 15.73 2.84 16.13
C ILE A 131 15.26 4.29 15.99
N PRO A 132 15.55 5.16 16.95
CA PRO A 132 15.13 6.56 16.82
C PRO A 132 15.72 7.19 15.57
N ILE A 133 15.00 8.19 15.04
CA ILE A 133 15.42 8.86 13.82
C ILE A 133 16.69 9.67 14.06
N GLU A 134 17.39 9.98 12.97
CA GLU A 134 18.52 10.91 12.90
C GLU A 134 18.60 11.92 14.03
N SER B 23 26.31 17.92 -8.77
CA SER B 23 25.73 16.59 -8.80
C SER B 23 24.43 16.54 -8.01
N VAL B 24 24.25 17.49 -7.08
CA VAL B 24 23.04 17.51 -6.28
C VAL B 24 21.82 17.80 -7.15
N THR B 25 21.98 18.69 -8.15
CA THR B 25 20.90 18.95 -9.08
C THR B 25 20.43 17.67 -9.78
N GLU B 26 21.38 16.92 -10.34
CA GLU B 26 21.02 15.70 -11.07
C GLU B 26 20.40 14.66 -10.14
N GLN B 27 20.92 14.53 -8.92
CA GLN B 27 20.38 13.59 -7.95
C GLN B 27 18.94 13.92 -7.56
N LEU B 28 18.67 15.20 -7.26
CA LEU B 28 17.31 15.58 -6.90
C LEU B 28 16.38 15.44 -8.10
N ARG B 29 16.90 15.58 -9.31
CA ARG B 29 16.11 15.32 -10.50
C ARG B 29 15.72 13.84 -10.56
N HIS B 30 16.70 12.95 -10.31
CA HIS B 30 16.39 11.53 -10.25
C HIS B 30 15.40 11.21 -9.13
N CYS B 31 15.50 11.91 -8.00
CA CYS B 31 14.55 11.68 -6.91
C CYS B 31 13.14 12.06 -7.33
N SER B 32 13.00 13.18 -8.06
CA SER B 32 11.70 13.56 -8.58
CA SER B 32 11.69 13.55 -8.57
C SER B 32 11.13 12.48 -9.50
N GLU B 33 11.98 11.87 -10.33
CA GLU B 33 11.53 10.82 -11.22
C GLU B 33 11.11 9.57 -10.46
N ILE B 34 11.79 9.27 -9.35
CA ILE B 34 11.43 8.11 -8.53
C ILE B 34 10.07 8.32 -7.88
N LEU B 35 9.85 9.53 -7.34
CA LEU B 35 8.56 9.84 -6.72
C LEU B 35 7.45 9.76 -7.74
N LYS B 36 7.66 10.32 -8.93
CA LYS B 36 6.69 10.22 -10.00
C LYS B 36 6.41 8.76 -10.35
N GLU B 37 7.45 7.91 -10.37
CA GLU B 37 7.24 6.50 -10.65
C GLU B 37 6.36 5.84 -9.58
N MET B 38 6.64 6.10 -8.30
CA MET B 38 5.86 5.47 -7.23
C MET B 38 4.39 5.89 -7.25
N LEU B 39 4.10 7.09 -7.76
CA LEU B 39 2.72 7.57 -7.89
C LEU B 39 2.11 7.20 -9.24
N ALA B 40 2.86 6.55 -10.12
CA ALA B 40 2.39 6.25 -11.46
C ALA B 40 1.37 5.11 -11.45
N LYS B 41 0.54 5.10 -12.50
CA LYS B 41 -0.62 4.20 -12.55
C LYS B 41 -0.20 2.74 -12.59
N LYS B 42 1.00 2.45 -13.07
CA LYS B 42 1.50 1.07 -13.09
C LYS B 42 1.40 0.42 -11.73
N HIS B 43 1.63 1.19 -10.67
CA HIS B 43 1.79 0.67 -9.32
C HIS B 43 0.56 0.87 -8.46
N PHE B 44 -0.54 1.38 -9.03
CA PHE B 44 -1.72 1.77 -8.25
C PHE B 44 -2.26 0.63 -7.42
N SER B 45 -2.30 -0.59 -7.96
CA SER B 45 -3.00 -1.67 -7.28
C SER B 45 -2.37 -2.02 -5.93
N TYR B 46 -1.09 -1.69 -5.70
CA TYR B 46 -0.51 -1.82 -4.37
C TYR B 46 -0.02 -0.51 -3.78
N ALA B 47 0.05 0.57 -4.55
CA ALA B 47 0.52 1.83 -4.00
C ALA B 47 -0.56 2.71 -3.39
N TRP B 48 -1.84 2.48 -3.72
CA TRP B 48 -2.88 3.41 -3.30
C TRP B 48 -2.97 3.63 -1.79
N PRO B 49 -2.68 2.66 -0.90
CA PRO B 49 -2.75 2.97 0.54
C PRO B 49 -1.72 4.01 0.99
N PHE B 50 -0.76 4.37 0.15
CA PHE B 50 0.34 5.24 0.55
C PHE B 50 0.27 6.61 -0.11
N TYR B 51 -0.80 6.89 -0.86
CA TYR B 51 -0.93 8.16 -1.57
C TYR B 51 -1.17 9.33 -0.62
N ASN B 52 -1.94 9.11 0.44
CA ASN B 52 -2.36 10.11 1.39
C ASN B 52 -2.02 9.62 2.78
N PRO B 53 -2.07 10.50 3.78
CA PRO B 53 -1.92 10.02 5.16
C PRO B 53 -2.95 8.92 5.43
N VAL B 54 -2.56 7.94 6.24
CA VAL B 54 -3.48 6.87 6.60
C VAL B 54 -4.76 7.49 7.14
N ASP B 55 -5.91 7.04 6.62
CA ASP B 55 -7.20 7.61 7.03
C ASP B 55 -7.62 6.93 8.32
N VAL B 56 -7.03 7.43 9.40
CA VAL B 56 -7.25 6.82 10.71
CA VAL B 56 -7.24 6.86 10.73
C VAL B 56 -8.71 6.95 11.13
N ASN B 57 -9.38 8.06 10.78
CA ASN B 57 -10.76 8.24 11.19
CA ASN B 57 -10.76 8.22 11.21
C ASN B 57 -11.68 7.26 10.47
N ALA B 58 -11.50 7.11 9.17
CA ALA B 58 -12.34 6.20 8.41
C ALA B 58 -12.16 4.77 8.89
N LEU B 59 -10.89 4.34 8.99
CA LEU B 59 -10.59 2.96 9.33
C LEU B 59 -10.71 2.67 10.81
N GLY B 60 -10.73 3.71 11.65
CA GLY B 60 -10.91 3.50 13.08
C GLY B 60 -9.68 3.01 13.80
N LEU B 61 -8.49 3.31 13.29
CA LEU B 61 -7.25 2.84 13.91
C LEU B 61 -6.90 3.85 14.98
N HIS B 62 -7.40 3.63 16.19
CA HIS B 62 -7.22 4.63 17.23
C HIS B 62 -5.83 4.61 17.85
N ASN B 63 -5.08 3.53 17.69
CA ASN B 63 -3.74 3.50 18.29
C ASN B 63 -2.64 3.81 17.28
N TYR B 64 -2.99 4.24 16.07
CA TYR B 64 -1.99 4.53 15.05
C TYR B 64 -1.03 5.62 15.52
N TYR B 65 -1.56 6.73 16.02
CA TYR B 65 -0.69 7.83 16.43
C TYR B 65 0.03 7.56 17.74
N ASP B 66 -0.39 6.53 18.49
CA ASP B 66 0.39 6.10 19.64
C ASP B 66 1.61 5.29 19.23
N VAL B 67 1.55 4.59 18.10
CA VAL B 67 2.68 3.80 17.64
C VAL B 67 3.57 4.58 16.69
N VAL B 68 2.97 5.33 15.77
CA VAL B 68 3.69 6.01 14.70
C VAL B 68 3.74 7.50 15.05
N LYS B 69 4.91 7.96 15.52
CA LYS B 69 5.08 9.34 15.91
C LYS B 69 5.54 10.25 14.78
N ASN B 70 5.99 9.69 13.66
CA ASN B 70 6.44 10.48 12.52
C ASN B 70 5.73 9.97 11.28
N PRO B 71 4.45 10.30 11.11
CA PRO B 71 3.71 9.81 9.95
C PRO B 71 4.32 10.34 8.65
N MET B 72 4.18 9.55 7.59
CA MET B 72 4.73 9.92 6.30
C MET B 72 3.95 9.20 5.21
N ASP B 73 3.78 9.88 4.08
CA ASP B 73 3.05 9.33 2.94
C ASP B 73 3.53 10.02 1.67
N LEU B 74 3.17 9.43 0.53
CA LEU B 74 3.69 9.92 -0.75
C LEU B 74 3.22 11.34 -1.05
N GLY B 75 1.95 11.64 -0.74
CA GLY B 75 1.44 12.98 -0.95
C GLY B 75 2.23 14.01 -0.16
N THR B 76 2.59 13.66 1.08
CA THR B 76 3.41 14.54 1.90
C THR B 76 4.80 14.71 1.29
N ILE B 77 5.39 13.62 0.81
CA ILE B 77 6.72 13.69 0.21
C ILE B 77 6.68 14.53 -1.05
N LYS B 78 5.59 14.44 -1.81
CA LYS B 78 5.48 15.26 -3.02
C LYS B 78 5.39 16.74 -2.68
N GLU B 79 4.56 17.09 -1.69
CA GLU B 79 4.48 18.49 -1.26
C GLU B 79 5.83 19.01 -0.83
N LYS B 80 6.58 18.23 -0.05
CA LYS B 80 7.89 18.67 0.42
C LYS B 80 8.86 18.87 -0.72
N MET B 81 8.84 17.96 -1.70
CA MET B 81 9.73 18.12 -2.86
C MET B 81 9.37 19.35 -3.67
N ASP B 82 8.07 19.56 -3.93
CA ASP B 82 7.65 20.73 -4.70
C ASP B 82 7.98 22.04 -3.98
N ASN B 83 8.05 22.02 -2.66
CA ASN B 83 8.53 23.17 -1.89
C ASN B 83 10.06 23.20 -1.76
N GLN B 84 10.78 22.43 -2.59
CA GLN B 84 12.24 22.40 -2.58
C GLN B 84 12.80 22.13 -1.18
N GLU B 85 12.16 21.20 -0.45
CA GLU B 85 12.53 20.97 0.94
C GLU B 85 13.59 19.89 1.14
N TYR B 86 13.96 19.16 0.10
CA TYR B 86 14.99 18.13 0.20
C TYR B 86 16.30 18.68 -0.33
N LYS B 87 17.25 18.93 0.57
CA LYS B 87 18.54 19.43 0.11
C LYS B 87 19.32 18.40 -0.68
N ASP B 88 19.07 17.11 -0.49
CA ASP B 88 19.82 16.10 -1.21
C ASP B 88 19.02 14.80 -1.25
N ALA B 89 19.56 13.84 -2.00
CA ALA B 89 18.87 12.57 -2.20
C ALA B 89 18.77 11.77 -0.91
N TYR B 90 19.75 11.88 -0.02
CA TYR B 90 19.72 11.10 1.22
C TYR B 90 18.54 11.51 2.08
N LYS B 91 18.22 12.80 2.11
CA LYS B 91 17.10 13.25 2.92
C LYS B 91 15.78 12.80 2.31
N PHE B 92 15.68 12.84 0.98
CA PHE B 92 14.50 12.28 0.32
C PHE B 92 14.36 10.79 0.61
N ALA B 93 15.47 10.04 0.52
CA ALA B 93 15.42 8.61 0.82
C ALA B 93 14.98 8.37 2.25
N ALA B 94 15.41 9.22 3.18
CA ALA B 94 15.03 9.01 4.58
C ALA B 94 13.53 9.11 4.76
N ASP B 95 12.87 10.04 4.04
CA ASP B 95 11.42 10.16 4.20
C ASP B 95 10.69 8.97 3.58
N VAL B 96 11.15 8.49 2.42
CA VAL B 96 10.49 7.34 1.80
C VAL B 96 10.62 6.12 2.68
N ARG B 97 11.83 5.87 3.18
CA ARG B 97 12.06 4.71 4.03
C ARG B 97 11.30 4.82 5.34
N LEU B 98 11.13 6.03 5.86
CA LEU B 98 10.30 6.22 7.06
C LEU B 98 8.86 5.80 6.81
N MET B 99 8.32 6.17 5.65
CA MET B 99 6.97 5.77 5.30
C MET B 99 6.83 4.25 5.33
N PHE B 100 7.80 3.53 4.75
CA PHE B 100 7.73 2.07 4.76
C PHE B 100 7.95 1.51 6.16
N MET B 101 8.92 2.05 6.91
CA MET B 101 9.17 1.54 8.25
C MET B 101 7.97 1.78 9.16
N ASN B 102 7.26 2.90 8.99
CA ASN B 102 6.04 3.12 9.75
C ASN B 102 5.03 2.01 9.48
N CYS B 103 4.89 1.60 8.22
CA CYS B 103 3.98 0.52 7.89
C CYS B 103 4.43 -0.81 8.51
N TYR B 104 5.72 -1.12 8.44
CA TYR B 104 6.22 -2.36 9.03
C TYR B 104 6.17 -2.33 10.55
N LYS B 105 6.37 -1.16 11.15
CA LYS B 105 6.30 -1.04 12.61
C LYS B 105 4.89 -1.27 13.12
N TYR B 106 3.90 -0.75 12.42
CA TYR B 106 2.53 -0.74 12.92
C TYR B 106 1.76 -2.01 12.58
N ASN B 107 1.93 -2.55 11.39
CA ASN B 107 1.02 -3.58 10.90
C ASN B 107 1.62 -4.97 11.07
N PRO B 108 0.78 -5.97 11.28
CA PRO B 108 1.29 -7.35 11.38
C PRO B 108 2.06 -7.71 10.13
N PRO B 109 3.14 -8.47 10.27
CA PRO B 109 4.00 -8.75 9.09
C PRO B 109 3.30 -9.47 7.96
N ASP B 110 2.22 -10.20 8.24
CA ASP B 110 1.44 -10.90 7.23
C ASP B 110 0.31 -10.05 6.64
N HIS B 111 0.13 -8.82 7.10
CA HIS B 111 -1.02 -8.04 6.67
C HIS B 111 -0.95 -7.71 5.19
N GLU B 112 -2.13 -7.54 4.58
CA GLU B 112 -2.20 -7.21 3.16
C GLU B 112 -1.47 -5.90 2.86
N VAL B 113 -1.59 -4.90 3.74
CA VAL B 113 -0.95 -3.63 3.44
C VAL B 113 0.57 -3.72 3.59
N VAL B 114 1.08 -4.68 4.36
CA VAL B 114 2.53 -4.87 4.39
C VAL B 114 3.00 -5.55 3.11
N THR B 115 2.22 -6.50 2.59
CA THR B 115 2.52 -7.07 1.28
C THR B 115 2.56 -5.97 0.22
N MET B 116 1.60 -5.06 0.25
CA MET B 116 1.57 -3.97 -0.72
C MET B 116 2.75 -3.02 -0.53
N ALA B 117 3.05 -2.68 0.73
CA ALA B 117 4.19 -1.83 1.01
C ALA B 117 5.49 -2.41 0.46
N ARG B 118 5.68 -3.72 0.65
CA ARG B 118 6.92 -4.34 0.21
C ARG B 118 7.05 -4.30 -1.30
N MET B 119 5.92 -4.43 -2.01
CA MET B 119 5.91 -4.32 -3.46
C MET B 119 6.26 -2.91 -3.91
N LEU B 120 5.70 -1.90 -3.25
CA LEU B 120 6.05 -0.53 -3.59
C LEU B 120 7.50 -0.23 -3.24
N GLN B 121 7.98 -0.77 -2.13
CA GLN B 121 9.38 -0.54 -1.80
C GLN B 121 10.31 -1.21 -2.80
N ASP B 122 9.90 -2.34 -3.39
CA ASP B 122 10.72 -2.92 -4.46
C ASP B 122 10.95 -1.90 -5.57
N VAL B 123 9.91 -1.15 -5.93
CA VAL B 123 10.04 -0.13 -6.96
C VAL B 123 11.02 0.94 -6.52
N PHE B 124 10.86 1.44 -5.29
CA PHE B 124 11.72 2.51 -4.80
C PHE B 124 13.17 2.08 -4.78
N GLU B 125 13.46 0.93 -4.17
CA GLU B 125 14.86 0.57 -3.90
C GLU B 125 15.61 0.27 -5.19
N THR B 126 14.97 -0.44 -6.14
CA THR B 126 15.65 -0.71 -7.40
C THR B 126 16.00 0.59 -8.13
N HIS B 127 15.10 1.58 -8.12
CA HIS B 127 15.42 2.84 -8.81
C HIS B 127 16.40 3.69 -8.01
N PHE B 128 16.24 3.75 -6.68
CA PHE B 128 17.11 4.60 -5.88
C PHE B 128 18.56 4.09 -5.91
N SER B 129 18.74 2.78 -6.07
CA SER B 129 20.10 2.23 -6.12
C SER B 129 20.89 2.77 -7.30
N LYS B 130 20.24 3.37 -8.29
CA LYS B 130 20.93 3.94 -9.44
C LYS B 130 21.49 5.34 -9.19
N ILE B 131 21.33 5.88 -7.99
CA ILE B 131 21.77 7.25 -7.68
C ILE B 131 23.04 7.15 -6.83
N PRO B 132 24.10 7.90 -7.16
CA PRO B 132 25.36 7.82 -6.40
C PRO B 132 25.23 8.23 -4.93
N ILE B 133 26.18 7.72 -4.13
CA ILE B 133 26.26 8.04 -2.70
C ILE B 133 27.70 8.40 -2.32
N ALA C 22 2.96 -5.54 32.15
CA ALA C 22 2.38 -5.75 30.82
C ALA C 22 2.64 -7.17 30.33
N SER C 23 2.55 -8.15 31.24
CA SER C 23 2.83 -9.53 30.89
C SER C 23 1.78 -10.06 29.90
N VAL C 24 2.15 -11.14 29.21
CA VAL C 24 1.25 -11.71 28.21
C VAL C 24 0.01 -12.33 28.84
N THR C 25 0.13 -12.83 30.07
CA THR C 25 -1.07 -13.33 30.73
C THR C 25 -2.02 -12.18 31.06
N GLU C 26 -1.48 -11.06 31.55
CA GLU C 26 -2.30 -9.88 31.83
C GLU C 26 -2.92 -9.31 30.56
N GLN C 27 -2.16 -9.31 29.45
CA GLN C 27 -2.70 -8.80 28.19
C GLN C 27 -3.90 -9.62 27.74
N LEU C 28 -3.75 -10.95 27.77
CA LEU C 28 -4.81 -11.83 27.28
C LEU C 28 -6.04 -11.75 28.15
N ARG C 29 -5.86 -11.50 29.45
CA ARG C 29 -7.03 -11.32 30.31
C ARG C 29 -7.80 -10.08 29.89
N HIS C 30 -7.10 -9.00 29.59
CA HIS C 30 -7.78 -7.79 29.12
CA HIS C 30 -7.75 -7.78 29.11
C HIS C 30 -8.46 -8.03 27.78
N CYS C 31 -7.87 -8.86 26.92
CA CYS C 31 -8.50 -9.18 25.64
C CYS C 31 -9.77 -10.00 25.83
N SER C 32 -9.76 -10.93 26.79
CA SER C 32 -10.95 -11.70 27.08
C SER C 32 -12.09 -10.78 27.53
N GLU C 33 -11.77 -9.75 28.31
CA GLU C 33 -12.79 -8.80 28.76
C GLU C 33 -13.29 -7.92 27.62
N ILE C 34 -12.42 -7.56 26.69
CA ILE C 34 -12.85 -6.80 25.50
C ILE C 34 -13.85 -7.60 24.69
N LEU C 35 -13.56 -8.88 24.47
CA LEU C 35 -14.47 -9.74 23.73
C LEU C 35 -15.81 -9.89 24.44
N LYS C 36 -15.79 -10.04 25.77
CA LYS C 36 -17.04 -10.08 26.52
C LYS C 36 -17.83 -8.79 26.32
N GLU C 37 -17.16 -7.63 26.34
CA GLU C 37 -17.84 -6.36 26.10
C GLU C 37 -18.49 -6.35 24.73
N MET C 38 -17.77 -6.81 23.70
CA MET C 38 -18.30 -6.76 22.35
C MET C 38 -19.52 -7.66 22.19
N LEU C 39 -19.63 -8.70 23.00
CA LEU C 39 -20.77 -9.60 22.95
C LEU C 39 -21.89 -9.21 23.91
N ALA C 40 -21.73 -8.09 24.64
CA ALA C 40 -22.72 -7.73 25.64
C ALA C 40 -24.01 -7.24 24.98
N LYS C 41 -25.12 -7.43 25.69
CA LYS C 41 -26.43 -7.16 25.11
C LYS C 41 -26.59 -5.70 24.68
N LYS C 42 -25.94 -4.78 25.39
CA LYS C 42 -26.10 -3.36 25.06
C LYS C 42 -25.70 -3.06 23.61
N HIS C 43 -24.79 -3.84 23.04
CA HIS C 43 -24.33 -3.61 21.68
C HIS C 43 -25.06 -4.49 20.66
N PHE C 44 -26.07 -5.25 21.08
CA PHE C 44 -26.64 -6.26 20.20
C PHE C 44 -27.15 -5.67 18.89
N SER C 45 -27.77 -4.49 18.94
CA SER C 45 -28.45 -3.96 17.76
C SER C 45 -27.48 -3.69 16.62
N TYR C 46 -26.19 -3.52 16.89
CA TYR C 46 -25.21 -3.42 15.83
C TYR C 46 -24.16 -4.52 15.82
N ALA C 47 -24.09 -5.36 16.85
CA ALA C 47 -23.09 -6.42 16.85
C ALA C 47 -23.58 -7.73 16.22
N TRP C 48 -24.89 -7.94 16.12
CA TRP C 48 -25.40 -9.26 15.74
C TRP C 48 -24.91 -9.77 14.39
N PRO C 49 -24.64 -8.96 13.36
CA PRO C 49 -24.13 -9.55 12.11
C PRO C 49 -22.77 -10.18 12.24
N PHE C 50 -22.08 -9.95 13.36
CA PHE C 50 -20.71 -10.40 13.54
C PHE C 50 -20.59 -11.54 14.54
N TYR C 51 -21.72 -12.04 15.06
CA TYR C 51 -21.67 -13.10 16.07
C TYR C 51 -21.20 -14.42 15.48
N ASN C 52 -21.57 -14.71 14.24
CA ASN C 52 -21.30 -15.98 13.58
C ASN C 52 -20.77 -15.72 12.19
N PRO C 53 -20.19 -16.72 11.53
CA PRO C 53 -19.73 -16.52 10.15
C PRO C 53 -20.86 -16.00 9.26
N VAL C 54 -20.50 -15.11 8.33
CA VAL C 54 -21.48 -14.55 7.40
C VAL C 54 -22.22 -15.66 6.67
N ASP C 55 -23.55 -15.56 6.66
CA ASP C 55 -24.40 -16.56 6.02
C ASP C 55 -24.54 -16.18 4.55
N VAL C 56 -23.59 -16.63 3.74
CA VAL C 56 -23.51 -16.20 2.34
C VAL C 56 -24.79 -16.57 1.58
N ASN C 57 -25.26 -17.80 1.76
CA ASN C 57 -26.37 -18.26 0.94
C ASN C 57 -27.69 -17.65 1.38
N ALA C 58 -27.94 -17.59 2.68
CA ALA C 58 -29.13 -16.91 3.20
C ALA C 58 -29.18 -15.46 2.72
N LEU C 59 -28.05 -14.75 2.80
CA LEU C 59 -28.04 -13.35 2.42
C LEU C 59 -27.98 -13.15 0.90
N GLY C 60 -27.60 -14.18 0.14
CA GLY C 60 -27.53 -14.03 -1.30
C GLY C 60 -26.33 -13.26 -1.77
N LEU C 61 -25.21 -13.36 -1.05
CA LEU C 61 -24.02 -12.56 -1.30
C LEU C 61 -23.17 -13.16 -2.41
N HIS C 62 -23.08 -12.45 -3.52
CA HIS C 62 -22.23 -12.86 -4.62
C HIS C 62 -20.82 -12.36 -4.38
N ASN C 63 -19.83 -13.18 -4.75
CA ASN C 63 -18.42 -12.82 -4.73
C ASN C 63 -17.84 -12.69 -3.33
N TYR C 64 -18.53 -13.17 -2.29
CA TYR C 64 -18.01 -13.02 -0.94
C TYR C 64 -16.64 -13.68 -0.78
N TYR C 65 -16.52 -14.93 -1.24
CA TYR C 65 -15.28 -15.66 -1.06
C TYR C 65 -14.19 -15.19 -2.02
N ASP C 66 -14.55 -14.52 -3.11
CA ASP C 66 -13.54 -13.91 -3.96
C ASP C 66 -12.97 -12.65 -3.31
N VAL C 67 -13.80 -11.92 -2.57
CA VAL C 67 -13.36 -10.68 -1.94
C VAL C 67 -12.76 -10.93 -0.57
N VAL C 68 -13.37 -11.81 0.22
CA VAL C 68 -13.00 -12.04 1.60
C VAL C 68 -12.22 -13.35 1.60
N LYS C 69 -10.89 -13.26 1.57
CA LYS C 69 -10.06 -14.45 1.51
C LYS C 69 -9.96 -15.15 2.86
N ASN C 70 -10.13 -14.42 3.96
CA ASN C 70 -9.91 -14.95 5.32
C ASN C 70 -11.05 -14.53 6.22
N PRO C 71 -12.18 -15.20 6.14
CA PRO C 71 -13.35 -14.80 6.94
C PRO C 71 -13.07 -14.88 8.42
N MET C 72 -13.74 -14.02 9.17
CA MET C 72 -13.57 -13.96 10.62
C MET C 72 -14.86 -13.40 11.23
N ASP C 73 -15.19 -13.88 12.42
CA ASP C 73 -16.37 -13.41 13.12
C ASP C 73 -16.13 -13.59 14.61
N LEU C 74 -17.00 -12.98 15.42
CA LEU C 74 -16.79 -12.97 16.88
C LEU C 74 -16.85 -14.36 17.47
N GLY C 75 -17.77 -15.20 16.99
CA GLY C 75 -17.85 -16.57 17.50
C GLY C 75 -16.58 -17.35 17.24
N THR C 76 -15.98 -17.15 16.06
CA THR C 76 -14.72 -17.80 15.76
C THR C 76 -13.60 -17.31 16.67
N ILE C 77 -13.56 -16.00 16.92
CA ILE C 77 -12.54 -15.41 17.78
C ILE C 77 -12.69 -15.90 19.21
N LYS C 78 -13.94 -16.05 19.66
CA LYS C 78 -14.20 -16.54 21.01
C LYS C 78 -13.76 -17.99 21.14
N GLU C 79 -14.02 -18.82 20.12
CA GLU C 79 -13.56 -20.20 20.16
C GLU C 79 -12.05 -20.26 20.22
N LYS C 80 -11.38 -19.42 19.44
CA LYS C 80 -9.91 -19.39 19.40
C LYS C 80 -9.33 -18.93 20.73
N MET C 81 -9.95 -17.94 21.36
CA MET C 81 -9.48 -17.50 22.67
C MET C 81 -9.68 -18.61 23.70
N ASP C 82 -10.84 -19.27 23.69
CA ASP C 82 -11.06 -20.37 24.64
C ASP C 82 -10.05 -21.50 24.42
N ASN C 83 -9.55 -21.66 23.20
CA ASN C 83 -8.54 -22.67 22.90
C ASN C 83 -7.12 -22.17 23.10
N GLN C 84 -6.94 -20.97 23.65
CA GLN C 84 -5.63 -20.41 23.99
C GLN C 84 -4.77 -20.17 22.75
N GLU C 85 -5.41 -19.91 21.61
CA GLU C 85 -4.70 -19.79 20.35
C GLU C 85 -4.04 -18.42 20.14
N TYR C 86 -4.29 -17.44 21.00
CA TYR C 86 -3.68 -16.12 20.84
C TYR C 86 -2.48 -16.02 21.75
N LYS C 87 -1.30 -15.80 21.15
CA LYS C 87 -0.05 -15.68 21.90
C LYS C 87 0.01 -14.38 22.68
N ASP C 88 -0.66 -13.33 22.22
CA ASP C 88 -0.57 -12.03 22.87
C ASP C 88 -1.71 -11.16 22.36
N ALA C 89 -1.80 -9.94 22.91
CA ALA C 89 -2.91 -9.05 22.57
C ALA C 89 -2.91 -8.67 21.10
N TYR C 90 -1.73 -8.45 20.52
CA TYR C 90 -1.70 -8.00 19.12
C TYR C 90 -2.19 -9.07 18.16
N LYS C 91 -2.04 -10.36 18.50
CA LYS C 91 -2.65 -11.40 17.66
C LYS C 91 -4.16 -11.41 17.78
N PHE C 92 -4.69 -11.21 18.99
CA PHE C 92 -6.12 -11.07 19.15
C PHE C 92 -6.64 -9.86 18.37
N ALA C 93 -5.94 -8.73 18.50
CA ALA C 93 -6.34 -7.53 17.76
C ALA C 93 -6.33 -7.77 16.26
N ALA C 94 -5.37 -8.53 15.76
CA ALA C 94 -5.30 -8.76 14.31
C ALA C 94 -6.54 -9.50 13.82
N ASP C 95 -7.07 -10.44 14.61
CA ASP C 95 -8.28 -11.15 14.19
C ASP C 95 -9.51 -10.25 14.27
N VAL C 96 -9.61 -9.41 15.32
CA VAL C 96 -10.76 -8.52 15.42
C VAL C 96 -10.74 -7.51 14.27
N ARG C 97 -9.57 -6.92 14.00
CA ARG C 97 -9.48 -5.95 12.91
C ARG C 97 -9.72 -6.62 11.56
N LEU C 98 -9.31 -7.87 11.40
CA LEU C 98 -9.59 -8.61 10.17
C LEU C 98 -11.09 -8.76 9.94
N MET C 99 -11.83 -9.06 11.01
CA MET C 99 -13.27 -9.16 10.90
C MET C 99 -13.88 -7.86 10.40
N PHE C 100 -13.46 -6.72 10.96
CA PHE C 100 -14.03 -5.45 10.50
C PHE C 100 -13.56 -5.11 9.10
N MET C 101 -12.27 -5.31 8.81
CA MET C 101 -11.76 -4.94 7.50
C MET C 101 -12.42 -5.77 6.40
N ASN C 102 -12.75 -7.03 6.71
CA ASN C 102 -13.49 -7.88 5.77
C ASN C 102 -14.84 -7.27 5.46
N CYS C 103 -15.51 -6.73 6.47
CA CYS C 103 -16.77 -6.03 6.26
C CYS C 103 -16.58 -4.83 5.34
N TYR C 104 -15.54 -4.03 5.59
CA TYR C 104 -15.31 -2.86 4.76
C TYR C 104 -14.92 -3.24 3.34
N LYS C 105 -14.19 -4.34 3.17
CA LYS C 105 -13.78 -4.79 1.85
C LYS C 105 -15.00 -5.19 1.03
N TYR C 106 -15.98 -5.81 1.67
CA TYR C 106 -17.08 -6.40 0.92
C TYR C 106 -18.22 -5.42 0.69
N ASN C 107 -18.53 -4.58 1.69
CA ASN C 107 -19.75 -3.77 1.70
C ASN C 107 -19.45 -2.30 1.39
N PRO C 108 -20.32 -1.66 0.62
CA PRO C 108 -20.15 -0.23 0.35
C PRO C 108 -20.20 0.58 1.63
N PRO C 109 -19.46 1.69 1.67
CA PRO C 109 -19.34 2.44 2.94
C PRO C 109 -20.65 2.98 3.46
N ASP C 110 -21.66 3.15 2.63
CA ASP C 110 -22.96 3.65 3.07
C ASP C 110 -23.92 2.54 3.47
N HIS C 111 -23.51 1.28 3.35
CA HIS C 111 -24.39 0.17 3.68
C HIS C 111 -24.61 0.13 5.20
N GLU C 112 -25.79 -0.33 5.59
CA GLU C 112 -26.14 -0.37 7.01
C GLU C 112 -25.15 -1.22 7.81
N VAL C 113 -24.66 -2.33 7.24
CA VAL C 113 -23.77 -3.16 8.04
C VAL C 113 -22.42 -2.51 8.26
N VAL C 114 -22.01 -1.58 7.38
CA VAL C 114 -20.76 -0.88 7.64
C VAL C 114 -20.94 0.10 8.80
N THR C 115 -22.09 0.77 8.87
CA THR C 115 -22.39 1.61 10.03
C THR C 115 -22.33 0.80 11.32
N MET C 116 -22.92 -0.39 11.31
CA MET C 116 -22.87 -1.25 12.48
C MET C 116 -21.45 -1.69 12.81
N ALA C 117 -20.70 -2.11 11.79
CA ALA C 117 -19.32 -2.52 11.99
C ALA C 117 -18.52 -1.41 12.64
N ARG C 118 -18.66 -0.18 12.13
CA ARG C 118 -17.83 0.90 12.64
C ARG C 118 -18.21 1.26 14.07
N MET C 119 -19.48 1.11 14.43
CA MET C 119 -19.90 1.31 15.80
C MET C 119 -19.29 0.24 16.71
N LEU C 120 -19.34 -1.02 16.29
CA LEU C 120 -18.76 -2.09 17.10
C LEU C 120 -17.24 -1.95 17.15
N GLN C 121 -16.62 -1.49 16.06
CA GLN C 121 -15.17 -1.32 16.07
C GLN C 121 -14.76 -0.26 17.08
N ASP C 122 -15.57 0.80 17.22
CA ASP C 122 -15.30 1.82 18.22
C ASP C 122 -15.29 1.24 19.62
N VAL C 123 -16.19 0.30 19.91
CA VAL C 123 -16.16 -0.36 21.21
C VAL C 123 -14.83 -1.06 21.40
N PHE C 124 -14.40 -1.82 20.39
CA PHE C 124 -13.14 -2.55 20.47
C PHE C 124 -11.95 -1.61 20.65
N GLU C 125 -11.85 -0.58 19.80
CA GLU C 125 -10.65 0.26 19.75
C GLU C 125 -10.51 1.07 21.02
N THR C 126 -11.62 1.57 21.56
CA THR C 126 -11.56 2.34 22.80
C THR C 126 -10.92 1.54 23.92
N HIS C 127 -11.30 0.27 24.05
CA HIS C 127 -10.77 -0.58 25.11
C HIS C 127 -9.38 -1.08 24.77
N PHE C 128 -9.14 -1.44 23.51
CA PHE C 128 -7.86 -2.04 23.17
C PHE C 128 -6.71 -1.04 23.30
N SER C 129 -6.94 0.23 22.95
CA SER C 129 -5.88 1.22 23.04
C SER C 129 -5.45 1.53 24.47
N LYS C 130 -6.13 1.00 25.49
CA LYS C 130 -5.75 1.25 26.87
C LYS C 130 -4.76 0.23 27.41
N ILE C 131 -4.43 -0.80 26.63
CA ILE C 131 -3.54 -1.86 27.08
C ILE C 131 -2.10 -1.44 26.82
N PRO C 132 -1.19 -1.61 27.79
CA PRO C 132 0.20 -1.16 27.60
C PRO C 132 0.88 -1.84 26.42
N ILE C 133 1.45 -1.00 25.54
CA ILE C 133 1.96 -1.43 24.24
C ILE C 133 3.45 -1.78 24.28
N GLU C 134 4.21 -1.20 23.34
CA GLU C 134 5.65 -1.47 23.10
C GLU C 134 6.22 -2.72 23.77
N ALA D 22 -12.20 32.85 -24.16
CA ALA D 22 -12.23 31.41 -24.42
C ALA D 22 -13.67 30.95 -24.72
N SER D 23 -13.99 30.81 -26.00
CA SER D 23 -15.37 30.62 -26.42
C SER D 23 -15.85 29.19 -26.21
N VAL D 24 -17.17 29.05 -26.07
CA VAL D 24 -17.77 27.75 -25.84
C VAL D 24 -17.63 26.86 -27.08
N THR D 25 -17.70 27.45 -28.27
CA THR D 25 -17.52 26.67 -29.48
CA THR D 25 -17.51 26.68 -29.50
C THR D 25 -16.09 26.14 -29.59
N GLU D 26 -15.12 26.94 -29.12
CA GLU D 26 -13.74 26.46 -29.06
C GLU D 26 -13.59 25.36 -28.01
N GLN D 27 -14.28 25.47 -26.89
CA GLN D 27 -14.25 24.40 -25.89
C GLN D 27 -14.78 23.11 -26.47
N LEU D 28 -15.90 23.17 -27.18
CA LEU D 28 -16.49 21.96 -27.74
C LEU D 28 -15.60 21.33 -28.82
N ARG D 29 -14.82 22.15 -29.54
CA ARG D 29 -13.87 21.57 -30.50
C ARG D 29 -12.80 20.74 -29.80
N HIS D 30 -12.27 21.24 -28.68
CA HIS D 30 -11.34 20.43 -27.89
C HIS D 30 -12.00 19.12 -27.46
N CYS D 31 -13.27 19.16 -27.08
CA CYS D 31 -13.94 17.96 -26.61
C CYS D 31 -14.10 16.93 -27.74
N SER D 32 -14.45 17.39 -28.95
CA SER D 32 -14.51 16.48 -30.09
C SER D 32 -13.18 15.78 -30.32
N GLU D 33 -12.07 16.51 -30.16
CA GLU D 33 -10.75 15.91 -30.38
C GLU D 33 -10.39 14.94 -29.27
N ILE D 34 -10.77 15.26 -28.02
CA ILE D 34 -10.57 14.31 -26.92
C ILE D 34 -11.34 13.02 -27.18
N LEU D 35 -12.60 13.15 -27.58
CA LEU D 35 -13.41 11.96 -27.84
C LEU D 35 -12.84 11.16 -29.01
N LYS D 36 -12.37 11.85 -30.06
CA LYS D 36 -11.69 11.16 -31.14
C LYS D 36 -10.47 10.41 -30.65
N GLU D 37 -9.68 11.03 -29.75
CA GLU D 37 -8.47 10.38 -29.27
C GLU D 37 -8.79 9.16 -28.41
N MET D 38 -9.81 9.25 -27.56
CA MET D 38 -10.15 8.11 -26.71
C MET D 38 -10.69 6.92 -27.51
N LEU D 39 -11.25 7.17 -28.69
CA LEU D 39 -11.74 6.12 -29.57
C LEU D 39 -10.71 5.67 -30.60
N ALA D 40 -9.50 6.21 -30.58
CA ALA D 40 -8.53 5.88 -31.62
C ALA D 40 -8.00 4.46 -31.42
N LYS D 41 -7.68 3.81 -32.54
CA LYS D 41 -7.26 2.41 -32.53
C LYS D 41 -6.05 2.18 -31.64
N LYS D 42 -5.17 3.17 -31.51
CA LYS D 42 -3.94 2.96 -30.74
C LYS D 42 -4.21 2.74 -29.26
N HIS D 43 -5.36 3.17 -28.73
CA HIS D 43 -5.74 2.93 -27.35
C HIS D 43 -6.66 1.73 -27.17
N PHE D 44 -6.93 0.98 -28.24
CA PHE D 44 -7.97 -0.05 -28.21
C PHE D 44 -7.75 -1.06 -27.09
N SER D 45 -6.49 -1.44 -26.84
CA SER D 45 -6.21 -2.55 -25.92
C SER D 45 -6.64 -2.27 -24.48
N TYR D 46 -6.79 -1.00 -24.09
CA TYR D 46 -7.37 -0.69 -22.79
C TYR D 46 -8.66 0.11 -22.86
N ALA D 47 -9.02 0.62 -24.03
CA ALA D 47 -10.26 1.38 -24.12
C ALA D 47 -11.48 0.52 -24.41
N TRP D 48 -11.28 -0.70 -24.92
CA TRP D 48 -12.41 -1.48 -25.40
C TRP D 48 -13.51 -1.74 -24.37
N PRO D 49 -13.25 -1.85 -23.06
CA PRO D 49 -14.37 -2.06 -22.13
C PRO D 49 -15.30 -0.88 -22.02
N PHE D 50 -14.90 0.29 -22.53
CA PHE D 50 -15.65 1.52 -22.36
C PHE D 50 -16.32 2.00 -23.64
N TYR D 51 -16.19 1.25 -24.73
CA TYR D 51 -16.74 1.67 -26.00
C TYR D 51 -18.27 1.68 -25.98
N ASN D 52 -18.86 0.70 -25.28
CA ASN D 52 -20.30 0.50 -25.28
C ASN D 52 -20.77 0.26 -23.85
N PRO D 53 -22.08 0.35 -23.59
CA PRO D 53 -22.58 0.09 -22.23
C PRO D 53 -22.15 -1.27 -21.73
N VAL D 54 -21.84 -1.33 -20.42
CA VAL D 54 -21.46 -2.60 -19.81
C VAL D 54 -22.56 -3.61 -20.01
N ASP D 55 -22.22 -4.77 -20.58
CA ASP D 55 -23.19 -5.83 -20.82
C ASP D 55 -23.21 -6.75 -19.61
N VAL D 56 -24.15 -6.48 -18.69
CA VAL D 56 -24.21 -7.19 -17.42
C VAL D 56 -24.41 -8.68 -17.61
N ASN D 57 -25.25 -9.06 -18.58
CA ASN D 57 -25.52 -10.47 -18.79
C ASN D 57 -24.31 -11.18 -19.41
N ALA D 58 -23.68 -10.57 -20.41
CA ALA D 58 -22.50 -11.17 -21.01
C ALA D 58 -21.41 -11.38 -19.97
N LEU D 59 -21.16 -10.36 -19.14
CA LEU D 59 -20.09 -10.43 -18.16
C LEU D 59 -20.48 -11.18 -16.90
N GLY D 60 -21.76 -11.41 -16.65
CA GLY D 60 -22.15 -12.13 -15.44
C GLY D 60 -22.05 -11.30 -14.19
N LEU D 61 -22.28 -9.99 -14.31
CA LEU D 61 -22.09 -9.08 -13.18
C LEU D 61 -23.31 -9.02 -12.28
N HIS D 62 -23.09 -9.25 -11.01
CA HIS D 62 -24.08 -9.11 -9.96
C HIS D 62 -24.06 -7.70 -9.40
N ASN D 63 -25.22 -7.19 -9.02
CA ASN D 63 -25.36 -5.92 -8.31
C ASN D 63 -24.93 -4.69 -9.10
N TYR D 64 -24.76 -4.81 -10.42
CA TYR D 64 -24.29 -3.67 -11.19
C TYR D 64 -25.24 -2.48 -11.04
N TYR D 65 -26.54 -2.72 -11.20
CA TYR D 65 -27.51 -1.63 -11.14
C TYR D 65 -27.77 -1.14 -9.72
N ASP D 66 -27.47 -1.95 -8.70
CA ASP D 66 -27.50 -1.44 -7.33
C ASP D 66 -26.34 -0.48 -7.08
N VAL D 67 -25.19 -0.71 -7.71
CA VAL D 67 -24.01 0.13 -7.48
C VAL D 67 -23.96 1.30 -8.45
N VAL D 68 -24.26 1.08 -9.72
CA VAL D 68 -24.10 2.08 -10.77
C VAL D 68 -25.49 2.63 -11.07
N LYS D 69 -25.78 3.83 -10.58
CA LYS D 69 -27.10 4.42 -10.77
C LYS D 69 -27.25 5.11 -12.13
N ASN D 70 -26.17 5.61 -12.71
CA ASN D 70 -26.22 6.36 -13.97
C ASN D 70 -25.13 5.86 -14.89
N PRO D 71 -25.36 4.73 -15.58
CA PRO D 71 -24.33 4.16 -16.44
C PRO D 71 -23.94 5.13 -17.56
N MET D 72 -22.69 5.02 -17.99
CA MET D 72 -22.17 5.89 -19.04
C MET D 72 -21.06 5.14 -19.76
N ASP D 73 -20.94 5.42 -21.06
CA ASP D 73 -19.91 4.78 -21.88
C ASP D 73 -19.59 5.71 -23.04
N LEU D 74 -18.47 5.42 -23.72
CA LEU D 74 -17.98 6.30 -24.78
C LEU D 74 -18.96 6.37 -25.96
N GLY D 75 -19.57 5.23 -26.31
CA GLY D 75 -20.54 5.25 -27.40
C GLY D 75 -21.71 6.16 -27.10
N THR D 76 -22.19 6.14 -25.86
CA THR D 76 -23.26 7.06 -25.46
C THR D 76 -22.79 8.50 -25.53
N ILE D 77 -21.57 8.76 -25.07
CA ILE D 77 -21.02 10.11 -25.09
C ILE D 77 -20.87 10.60 -26.53
N LYS D 78 -20.50 9.71 -27.45
CA LYS D 78 -20.35 10.12 -28.83
C LYS D 78 -21.70 10.47 -29.45
N GLU D 79 -22.74 9.69 -29.12
CA GLU D 79 -24.09 9.99 -29.62
C GLU D 79 -24.56 11.34 -29.12
N LYS D 80 -24.29 11.66 -27.84
CA LYS D 80 -24.71 12.94 -27.28
C LYS D 80 -23.94 14.09 -27.93
N MET D 81 -22.64 13.90 -28.16
CA MET D 81 -21.83 14.91 -28.81
C MET D 81 -22.29 15.15 -30.24
N ASP D 82 -22.54 14.07 -31.00
CA ASP D 82 -23.03 14.24 -32.37
C ASP D 82 -24.39 14.91 -32.39
N ASN D 83 -25.20 14.68 -31.37
CA ASN D 83 -26.48 15.35 -31.22
C ASN D 83 -26.34 16.73 -30.59
N GLN D 84 -25.11 17.18 -30.33
CA GLN D 84 -24.85 18.53 -29.81
CA GLN D 84 -24.85 18.52 -29.80
C GLN D 84 -25.54 18.74 -28.46
N GLU D 85 -25.46 17.74 -27.60
CA GLU D 85 -26.17 17.78 -26.31
C GLU D 85 -25.34 18.36 -25.18
N TYR D 86 -24.06 18.65 -25.39
CA TYR D 86 -23.19 19.22 -24.36
C TYR D 86 -23.07 20.72 -24.57
N LYS D 87 -23.40 21.50 -23.53
CA LYS D 87 -23.39 22.95 -23.67
C LYS D 87 -21.98 23.53 -23.55
N ASP D 88 -21.09 22.87 -22.82
CA ASP D 88 -19.72 23.35 -22.65
C ASP D 88 -18.83 22.16 -22.29
N ALA D 89 -17.53 22.43 -22.13
CA ALA D 89 -16.56 21.36 -21.87
C ALA D 89 -16.81 20.69 -20.53
N TYR D 90 -17.22 21.44 -19.51
CA TYR D 90 -17.44 20.83 -18.20
C TYR D 90 -18.62 19.86 -18.21
N LYS D 91 -19.63 20.09 -19.05
CA LYS D 91 -20.71 19.11 -19.18
C LYS D 91 -20.20 17.83 -19.84
N PHE D 92 -19.35 17.98 -20.86
CA PHE D 92 -18.71 16.83 -21.47
C PHE D 92 -17.82 16.09 -20.48
N ALA D 93 -16.99 16.83 -19.75
CA ALA D 93 -16.12 16.18 -18.76
C ALA D 93 -16.92 15.41 -17.72
N ALA D 94 -18.09 15.93 -17.32
CA ALA D 94 -18.87 15.26 -16.30
C ALA D 94 -19.31 13.87 -16.75
N ASP D 95 -19.69 13.74 -18.02
CA ASP D 95 -20.08 12.43 -18.51
C ASP D 95 -18.87 11.51 -18.63
N VAL D 96 -17.73 12.03 -19.06
CA VAL D 96 -16.55 11.18 -19.15
C VAL D 96 -16.10 10.75 -17.76
N ARG D 97 -16.04 11.70 -16.82
CA ARG D 97 -15.63 11.32 -15.47
C ARG D 97 -16.65 10.40 -14.82
N LEU D 98 -17.94 10.58 -15.12
CA LEU D 98 -18.94 9.67 -14.60
C LEU D 98 -18.67 8.24 -15.06
N MET D 99 -18.30 8.06 -16.34
CA MET D 99 -17.98 6.73 -16.83
C MET D 99 -16.83 6.09 -16.03
N PHE D 100 -15.76 6.84 -15.79
CA PHE D 100 -14.65 6.26 -15.05
C PHE D 100 -15.01 6.02 -13.60
N MET D 101 -15.72 6.96 -12.98
CA MET D 101 -16.09 6.78 -11.59
C MET D 101 -17.02 5.59 -11.41
N ASN D 102 -17.89 5.33 -12.39
CA ASN D 102 -18.73 4.15 -12.35
C ASN D 102 -17.89 2.89 -12.33
N CYS D 103 -16.81 2.86 -13.13
CA CYS D 103 -15.91 1.72 -13.11
CA CYS D 103 -15.93 1.71 -13.10
C CYS D 103 -15.28 1.55 -11.74
N TYR D 104 -14.86 2.64 -11.12
CA TYR D 104 -14.21 2.56 -9.82
C TYR D 104 -15.21 2.16 -8.74
N LYS D 105 -16.46 2.59 -8.87
CA LYS D 105 -17.47 2.25 -7.87
C LYS D 105 -17.70 0.74 -7.86
N TYR D 106 -17.69 0.13 -9.03
CA TYR D 106 -18.09 -1.26 -9.15
C TYR D 106 -16.93 -2.22 -8.96
N ASN D 107 -15.73 -1.86 -9.43
CA ASN D 107 -14.63 -2.81 -9.51
C ASN D 107 -13.57 -2.53 -8.46
N PRO D 108 -12.99 -3.58 -7.87
CA PRO D 108 -11.90 -3.39 -6.91
C PRO D 108 -10.73 -2.66 -7.53
N PRO D 109 -9.99 -1.88 -6.72
CA PRO D 109 -8.90 -1.07 -7.30
C PRO D 109 -7.80 -1.90 -7.94
N ASP D 110 -7.65 -3.17 -7.57
CA ASP D 110 -6.64 -4.04 -8.16
C ASP D 110 -7.14 -4.78 -9.40
N HIS D 111 -8.41 -4.63 -9.77
CA HIS D 111 -8.94 -5.39 -10.89
C HIS D 111 -8.32 -4.92 -12.20
N GLU D 112 -8.18 -5.86 -13.13
CA GLU D 112 -7.60 -5.53 -14.44
C GLU D 112 -8.40 -4.44 -15.14
N VAL D 113 -9.71 -4.42 -14.96
CA VAL D 113 -10.49 -3.42 -15.68
C VAL D 113 -10.26 -2.02 -15.10
N VAL D 114 -9.87 -1.91 -13.84
CA VAL D 114 -9.51 -0.61 -13.29
C VAL D 114 -8.18 -0.15 -13.87
N THR D 115 -7.22 -1.08 -14.02
CA THR D 115 -5.97 -0.72 -14.67
C THR D 115 -6.23 -0.15 -16.07
N MET D 116 -7.12 -0.78 -16.82
CA MET D 116 -7.44 -0.27 -18.15
C MET D 116 -8.13 1.09 -18.06
N ALA D 117 -9.08 1.23 -17.14
CA ALA D 117 -9.77 2.51 -16.97
C ALA D 117 -8.79 3.63 -16.70
N ARG D 118 -7.84 3.39 -15.78
CA ARG D 118 -6.93 4.45 -15.39
C ARG D 118 -5.97 4.81 -16.52
N MET D 119 -5.61 3.85 -17.37
CA MET D 119 -4.82 4.20 -18.54
C MET D 119 -5.60 5.10 -19.48
N LEU D 120 -6.87 4.77 -19.73
CA LEU D 120 -7.69 5.61 -20.59
C LEU D 120 -7.99 6.95 -19.93
N GLN D 121 -8.19 6.96 -18.62
CA GLN D 121 -8.45 8.24 -17.94
C GLN D 121 -7.25 9.18 -18.05
N ASP D 122 -6.04 8.63 -18.01
CA ASP D 122 -4.86 9.47 -18.17
C ASP D 122 -4.84 10.16 -19.53
N VAL D 123 -5.29 9.46 -20.58
CA VAL D 123 -5.42 10.07 -21.90
C VAL D 123 -6.38 11.24 -21.85
N PHE D 124 -7.56 11.02 -21.25
CA PHE D 124 -8.56 12.07 -21.13
C PHE D 124 -8.04 13.26 -20.32
N GLU D 125 -7.51 12.99 -19.13
CA GLU D 125 -7.22 14.08 -18.20
C GLU D 125 -6.09 14.95 -18.71
N THR D 126 -5.07 14.34 -19.32
CA THR D 126 -3.97 15.13 -19.88
C THR D 126 -4.49 16.12 -20.90
N HIS D 127 -5.41 15.71 -21.76
CA HIS D 127 -5.93 16.62 -22.76
C HIS D 127 -6.94 17.59 -22.14
N PHE D 128 -7.80 17.11 -21.23
CA PHE D 128 -8.82 17.98 -20.68
C PHE D 128 -8.22 19.10 -19.84
N SER D 129 -7.12 18.83 -19.14
CA SER D 129 -6.48 19.87 -18.35
C SER D 129 -5.94 20.99 -19.22
N LYS D 130 -5.79 20.75 -20.52
CA LYS D 130 -5.24 21.73 -21.45
C LYS D 130 -6.31 22.60 -22.12
N ILE D 131 -7.57 22.49 -21.71
CA ILE D 131 -8.62 23.30 -22.31
C ILE D 131 -8.77 24.60 -21.52
N PRO D 132 -8.82 25.77 -22.18
CA PRO D 132 -8.94 27.05 -21.46
C PRO D 132 -10.17 27.15 -20.56
N ILE D 133 -9.92 27.21 -19.26
CA ILE D 133 -10.84 26.80 -18.21
C ILE D 133 -11.48 27.99 -17.48
N GLU D 134 -12.03 27.72 -16.30
CA GLU D 134 -12.69 28.71 -15.45
C GLU D 134 -13.18 28.03 -14.17
#